data_8E13
#
_entry.id   8E13
#
_cell.length_a   50.577
_cell.length_b   81.273
_cell.length_c   110.498
_cell.angle_alpha   90.000
_cell.angle_beta   90.000
_cell.angle_gamma   90.000
#
_symmetry.space_group_name_H-M   'P 21 21 21'
#
loop_
_entity.id
_entity.type
_entity.pdbx_description
1 polymer 'MHC class I antigen'
2 polymer Beta-2-microglobulin
3 polymer PHE-ALA-LYS-LYS-LYS-TYR-CYS-LEU
4 water water
#
loop_
_entity_poly.entity_id
_entity_poly.type
_entity_poly.pdbx_seq_one_letter_code
_entity_poly.pdbx_strand_id
1 'polypeptide(L)'
;GSHSMRYFDTAMSRPGRGEPRFISVGYVDDTQFVRFDSDAASPREEPRAPWIEQEGPEYWDRNTQIFKTNTQTDRCSLRN
LRGYYNQSEAGSHTLQSMYGCDVGPDGRLLRGHNQYAYDGKDYIALNEDLRSWTAADTAAQITQRKWEAARVAEQDRAYL
EGTCVEWLRRYLENGKDTLERADPPKTHVTHHPISDHEATLRCWALGFYPAEITLTWQRDGEDQTQDTELVETRPAGDRT
FQKWAAVVVPSGEEQRYTCHVQHEGLPKPLTLRWEP
;
A
2 'polypeptide(L)'
;MIQRTPKIQVYSRHPAENGKSNFLNCYVSGFHPSDIEVDLLKNGERIEKVEHSDLSFSKDWSFYLLYYTEFTPTEKDEYA
CRVNHVTLSQPKIVKWDRDM
;
B
3 'polypeptide(L)' FAKKKYCL C
#
# COMPACT_ATOMS: atom_id res chain seq x y z
N GLY A 1 -7.67 15.58 -11.93
CA GLY A 1 -7.71 15.85 -10.49
C GLY A 1 -6.31 16.05 -9.90
N SER A 2 -6.21 15.87 -8.58
CA SER A 2 -4.94 15.99 -7.84
C SER A 2 -4.14 14.68 -7.92
N HIS A 3 -2.84 14.85 -7.75
CA HIS A 3 -1.92 13.70 -7.88
C HIS A 3 -0.82 13.74 -6.85
N SER A 4 -0.18 12.61 -6.64
CA SER A 4 0.97 12.51 -5.72
C SER A 4 2.02 11.64 -6.35
N MET A 5 3.24 11.91 -5.98
CA MET A 5 4.37 10.99 -6.23
C MET A 5 4.96 10.66 -4.86
N ARG A 6 5.15 9.40 -4.57
CA ARG A 6 5.73 9.02 -3.30
C ARG A 6 6.60 7.78 -3.44
N TYR A 7 7.71 7.82 -2.77
CA TYR A 7 8.63 6.68 -2.59
C TYR A 7 8.43 6.15 -1.17
N PHE A 8 8.30 4.84 -1.10
CA PHE A 8 8.17 4.11 0.17
C PHE A 8 9.43 3.24 0.27
N ASP A 9 10.28 3.52 1.23
CA ASP A 9 11.54 2.79 1.39
C ASP A 9 11.55 2.02 2.69
N THR A 10 12.02 0.78 2.64
CA THR A 10 12.17 -0.08 3.81
C THR A 10 13.61 -0.59 3.86
N ALA A 11 14.26 -0.42 4.99
CA ALA A 11 15.58 -1.00 5.27
C ALA A 11 15.44 -1.88 6.48
N MET A 12 15.89 -3.12 6.38
CA MET A 12 15.66 -4.11 7.47
C MET A 12 16.96 -4.81 7.77
N SER A 13 17.48 -4.68 8.99
CA SER A 13 18.72 -5.36 9.37
C SER A 13 18.38 -6.83 9.61
N ARG A 14 19.35 -7.71 9.58
CA ARG A 14 19.20 -9.18 9.66
C ARG A 14 20.55 -9.74 10.10
N PRO A 15 20.96 -9.49 11.37
CA PRO A 15 22.29 -9.89 11.78
C PRO A 15 22.46 -11.38 11.52
N GLY A 16 23.62 -11.69 10.94
CA GLY A 16 24.05 -13.05 10.59
C GLY A 16 23.51 -13.52 9.27
N ARG A 17 22.75 -12.69 8.57
CA ARG A 17 22.16 -13.01 7.26
C ARG A 17 22.48 -11.92 6.24
N GLY A 18 23.69 -11.36 6.32
CA GLY A 18 24.16 -10.31 5.40
C GLY A 18 23.77 -8.94 5.83
N GLU A 19 23.97 -8.01 4.93
CA GLU A 19 23.76 -6.59 5.17
C GLU A 19 22.27 -6.30 5.11
N PRO A 20 21.81 -5.20 5.72
CA PRO A 20 20.37 -4.92 5.72
C PRO A 20 19.77 -4.86 4.32
N ARG A 21 18.62 -5.48 4.10
CA ARG A 21 17.90 -5.32 2.85
C ARG A 21 17.38 -3.88 2.68
N PHE A 22 17.54 -3.32 1.51
CA PHE A 22 16.96 -2.03 1.15
C PHE A 22 16.04 -2.21 -0.02
N ILE A 23 14.79 -1.81 0.11
CA ILE A 23 13.83 -1.77 -1.01
C ILE A 23 13.20 -0.38 -1.07
N SER A 24 13.15 0.17 -2.25
CA SER A 24 12.52 1.48 -2.53
C SER A 24 11.49 1.24 -3.64
N VAL A 25 10.25 1.62 -3.42
CA VAL A 25 9.21 1.55 -4.44
C VAL A 25 8.61 2.94 -4.64
N GLY A 26 8.52 3.33 -5.91
CA GLY A 26 7.95 4.63 -6.26
C GLY A 26 6.63 4.49 -6.92
N TYR A 27 5.73 5.40 -6.52
CA TYR A 27 4.36 5.45 -6.99
C TYR A 27 3.96 6.83 -7.55
N VAL A 28 3.15 6.83 -8.59
CA VAL A 28 2.29 7.96 -8.92
C VAL A 28 0.89 7.54 -8.49
N ASP A 29 0.30 8.26 -7.51
CA ASP A 29 -1.01 7.81 -6.96
C ASP A 29 -0.90 6.34 -6.53
N ASP A 30 -1.75 5.47 -7.04
CA ASP A 30 -1.77 4.02 -6.67
C ASP A 30 -1.10 3.19 -7.79
N THR A 31 -0.27 3.78 -8.64
CA THR A 31 0.44 3.04 -9.65
C THR A 31 1.94 3.00 -9.31
N GLN A 32 2.48 1.81 -9.04
CA GLN A 32 3.94 1.63 -8.86
C GLN A 32 4.60 1.79 -10.24
N PHE A 33 5.65 2.58 -10.29
CA PHE A 33 6.41 2.79 -11.52
C PHE A 33 7.87 2.38 -11.40
N VAL A 34 8.38 2.14 -10.21
CA VAL A 34 9.81 1.76 -10.08
C VAL A 34 9.96 0.95 -8.82
N ARG A 35 10.90 0.05 -8.83
CA ARG A 35 11.34 -0.69 -7.66
C ARG A 35 12.83 -0.86 -7.73
N PHE A 36 13.46 -0.73 -6.60
CA PHE A 36 14.87 -1.10 -6.43
C PHE A 36 14.96 -1.95 -5.16
N ASP A 37 15.43 -3.17 -5.27
CA ASP A 37 15.63 -4.07 -4.12
C ASP A 37 17.11 -4.46 -4.08
N SER A 38 17.81 -4.24 -2.99
CA SER A 38 19.21 -4.66 -2.88
C SER A 38 19.33 -6.19 -2.97
N ASP A 39 18.28 -6.97 -2.74
CA ASP A 39 18.30 -8.42 -2.86
C ASP A 39 17.88 -8.90 -4.24
N ALA A 40 17.55 -8.03 -5.17
CA ALA A 40 17.27 -8.48 -6.55
C ALA A 40 18.58 -9.01 -7.14
N ALA A 41 18.46 -10.11 -7.86
CA ALA A 41 19.65 -10.75 -8.50
C ALA A 41 20.02 -10.13 -9.83
N SER A 42 19.08 -9.46 -10.49
CA SER A 42 19.17 -8.82 -11.83
C SER A 42 18.53 -7.43 -11.74
N PRO A 43 19.30 -6.43 -11.22
CA PRO A 43 18.85 -5.03 -11.16
C PRO A 43 18.26 -4.54 -12.51
N ARG A 44 18.76 -5.08 -13.61
CA ARG A 44 18.46 -4.58 -14.97
C ARG A 44 17.04 -5.03 -15.31
N GLU A 45 16.56 -6.08 -14.61
CA GLU A 45 15.25 -6.73 -14.88
C GLU A 45 14.20 -6.21 -13.89
N GLU A 46 14.60 -5.29 -13.02
CA GLU A 46 13.64 -4.78 -11.99
C GLU A 46 12.59 -3.93 -12.70
N PRO A 47 11.31 -4.10 -12.29
CA PRO A 47 10.20 -3.52 -13.04
C PRO A 47 10.32 -1.99 -13.08
N ARG A 48 9.92 -1.49 -14.27
CA ARG A 48 9.76 -0.05 -14.58
C ARG A 48 8.46 0.11 -15.38
N ALA A 49 7.61 1.09 -15.04
CA ALA A 49 6.38 1.38 -15.85
C ALA A 49 6.80 1.67 -17.29
N PRO A 50 5.97 1.39 -18.31
CA PRO A 50 6.31 1.78 -19.68
C PRO A 50 6.61 3.27 -19.95
N TRP A 51 5.83 4.17 -19.35
CA TRP A 51 5.98 5.66 -19.47
C TRP A 51 7.28 6.12 -18.79
N ILE A 52 8.02 5.20 -18.19
CA ILE A 52 9.39 5.36 -17.63
C ILE A 52 10.42 4.95 -18.69
N GLU A 53 10.19 3.80 -19.35
CA GLU A 53 11.16 3.26 -20.34
C GLU A 53 11.47 4.33 -21.40
N GLN A 54 10.45 5.10 -21.80
CA GLN A 54 10.51 6.20 -22.78
C GLN A 54 11.60 7.21 -22.39
N GLU A 55 11.93 7.38 -21.11
CA GLU A 55 12.91 8.41 -20.67
C GLU A 55 14.36 8.04 -21.05
N GLY A 56 14.58 6.78 -21.40
CA GLY A 56 15.89 6.33 -21.89
C GLY A 56 16.87 6.01 -20.77
N PRO A 57 18.10 5.64 -21.21
CA PRO A 57 19.02 4.93 -20.34
C PRO A 57 19.76 5.83 -19.35
N GLU A 58 19.97 7.10 -19.69
CA GLU A 58 20.69 8.02 -18.77
C GLU A 58 19.76 8.33 -17.58
N TYR A 59 18.45 8.44 -17.78
CA TYR A 59 17.50 8.55 -16.67
C TYR A 59 17.66 7.33 -15.77
N TRP A 60 17.67 6.16 -16.36
CA TRP A 60 17.77 4.87 -15.59
C TRP A 60 19.08 4.87 -14.80
N ASP A 61 20.15 5.29 -15.47
CA ASP A 61 21.49 5.34 -14.84
C ASP A 61 21.44 6.25 -13.62
N ARG A 62 20.89 7.45 -13.76
CA ARG A 62 20.90 8.44 -12.65
C ARG A 62 20.07 7.91 -11.46
N ASN A 63 18.93 7.26 -11.75
CA ASN A 63 18.05 6.73 -10.68
C ASN A 63 18.74 5.56 -10.04
N THR A 64 19.37 4.69 -10.83
CA THR A 64 20.10 3.54 -10.25
C THR A 64 21.21 4.00 -9.32
N GLN A 65 21.92 5.06 -9.67
CA GLN A 65 23.03 5.57 -8.83
C GLN A 65 22.46 6.03 -7.48
N ILE A 66 21.33 6.73 -7.53
CA ILE A 66 20.71 7.27 -6.28
C ILE A 66 20.23 6.12 -5.42
N PHE A 67 19.62 5.09 -6.01
CA PHE A 67 19.15 3.93 -5.22
C PHE A 67 20.31 3.20 -4.59
N LYS A 68 21.42 3.04 -5.34
CA LYS A 68 22.60 2.36 -4.80
C LYS A 68 23.19 3.14 -3.61
N THR A 69 23.31 4.44 -3.78
CA THR A 69 23.84 5.31 -2.71
C THR A 69 22.83 5.27 -1.52
N ASN A 70 21.53 5.30 -1.79
CA ASN A 70 20.52 5.22 -0.72
C ASN A 70 20.63 3.90 0.06
N THR A 71 20.96 2.81 -0.57
CA THR A 71 21.16 1.52 0.13
C THR A 71 22.18 1.73 1.21
N GLN A 72 23.31 2.32 0.84
CA GLN A 72 24.46 2.50 1.77
C GLN A 72 24.06 3.51 2.85
N THR A 73 23.35 4.56 2.48
CA THR A 73 22.93 5.57 3.45
C THR A 73 21.96 4.97 4.49
N ASP A 74 21.02 4.14 4.06
CA ASP A 74 20.05 3.55 5.02
C ASP A 74 20.76 2.51 5.91
N ARG A 75 21.82 1.86 5.44
CA ARG A 75 22.61 0.98 6.31
C ARG A 75 23.36 1.82 7.35
N CYS A 76 23.94 2.94 6.94
CA CYS A 76 24.59 3.88 7.88
C CYS A 76 23.52 4.27 8.92
N SER A 77 22.33 4.62 8.48
CA SER A 77 21.23 5.07 9.37
C SER A 77 20.95 3.96 10.38
N LEU A 78 20.77 2.72 9.92
CA LEU A 78 20.42 1.62 10.86
C LEU A 78 21.53 1.47 11.89
N ARG A 79 22.79 1.53 11.52
CA ARG A 79 23.89 1.42 12.51
C ARG A 79 23.79 2.53 13.53
N ASN A 80 23.50 3.74 13.07
CA ASN A 80 23.47 4.89 14.01
C ASN A 80 22.27 4.67 14.97
N LEU A 81 21.11 4.34 14.40
CA LEU A 81 19.89 4.19 15.21
C LEU A 81 20.07 3.11 16.27
N ARG A 82 20.73 2.00 15.95
CA ARG A 82 20.94 0.95 16.97
C ARG A 82 21.66 1.58 18.16
N GLY A 83 22.65 2.40 17.90
CA GLY A 83 23.40 3.11 18.93
C GLY A 83 22.56 4.12 19.70
N TYR A 84 21.74 4.90 19.00
CA TYR A 84 20.92 5.93 19.65
C TYR A 84 19.91 5.30 20.61
N TYR A 85 19.52 4.03 20.50
CA TYR A 85 18.57 3.34 21.40
C TYR A 85 19.30 2.31 22.23
N ASN A 86 20.62 2.30 22.26
CA ASN A 86 21.42 1.40 23.11
C ASN A 86 21.09 -0.06 22.78
N GLN A 87 20.80 -0.37 21.54
CA GLN A 87 20.25 -1.70 21.20
C GLN A 87 21.41 -2.66 20.98
N SER A 88 21.11 -3.94 21.20
CA SER A 88 22.06 -5.05 21.00
C SER A 88 22.29 -5.30 19.49
N GLU A 89 23.40 -5.92 19.17
CA GLU A 89 23.82 -6.18 17.79
C GLU A 89 22.99 -7.34 17.28
N ALA A 90 22.21 -8.01 18.18
CA ALA A 90 21.54 -9.30 17.86
C ALA A 90 20.19 -9.15 17.18
N GLY A 91 19.55 -8.01 17.36
CA GLY A 91 18.16 -7.89 16.90
C GLY A 91 18.04 -7.34 15.48
N SER A 92 16.93 -7.64 14.84
CA SER A 92 16.54 -7.07 13.54
C SER A 92 15.74 -5.81 13.77
N HIS A 93 16.01 -4.78 13.01
CA HIS A 93 15.35 -3.48 13.13
C HIS A 93 14.92 -3.00 11.75
N THR A 94 13.97 -2.10 11.70
CA THR A 94 13.36 -1.60 10.46
C THR A 94 13.40 -0.10 10.44
N LEU A 95 13.89 0.48 9.34
CA LEU A 95 13.83 1.92 9.06
C LEU A 95 12.98 2.13 7.82
N GLN A 96 11.91 2.87 7.92
CA GLN A 96 11.04 3.23 6.77
C GLN A 96 11.13 4.70 6.52
N SER A 97 10.88 5.03 5.26
CA SER A 97 10.96 6.44 4.77
C SER A 97 9.82 6.62 3.79
N MET A 98 9.17 7.82 3.75
CA MET A 98 8.28 8.22 2.68
C MET A 98 8.72 9.62 2.27
N TYR A 99 8.88 9.82 0.98
CA TYR A 99 9.15 11.18 0.47
C TYR A 99 8.41 11.36 -0.83
N GLY A 100 8.09 12.62 -1.13
CA GLY A 100 7.46 12.99 -2.38
C GLY A 100 6.57 14.18 -2.27
N CYS A 101 5.78 14.41 -3.29
CA CYS A 101 5.05 15.69 -3.50
C CYS A 101 3.60 15.36 -3.84
N ASP A 102 2.76 16.30 -3.49
CA ASP A 102 1.35 16.36 -3.88
C ASP A 102 1.20 17.59 -4.77
N VAL A 103 0.48 17.44 -5.88
CA VAL A 103 0.20 18.59 -6.78
C VAL A 103 -1.31 18.60 -7.07
N GLY A 104 -1.76 19.78 -7.43
CA GLY A 104 -3.18 19.96 -7.76
C GLY A 104 -3.42 19.66 -9.22
N PRO A 105 -4.66 19.88 -9.70
CA PRO A 105 -5.03 19.49 -11.06
C PRO A 105 -4.27 20.27 -12.15
N ASP A 106 -3.79 21.46 -11.77
CA ASP A 106 -2.95 22.45 -12.50
C ASP A 106 -1.45 22.12 -12.47
N GLY A 107 -1.09 21.09 -11.71
CA GLY A 107 0.31 20.66 -11.48
C GLY A 107 1.08 21.52 -10.49
N ARG A 108 0.40 22.40 -9.73
CA ARG A 108 1.09 23.26 -8.75
C ARG A 108 1.37 22.44 -7.48
N LEU A 109 2.47 22.72 -6.79
CA LEU A 109 2.80 22.06 -5.51
C LEU A 109 1.73 22.36 -4.51
N LEU A 110 1.19 21.32 -3.92
CA LEU A 110 0.29 21.44 -2.73
C LEU A 110 1.14 21.33 -1.47
N ARG A 111 1.97 20.28 -1.33
CA ARG A 111 2.94 20.14 -0.25
C ARG A 111 3.93 19.04 -0.59
N GLY A 112 5.01 19.04 0.15
CA GLY A 112 6.00 17.97 0.11
C GLY A 112 6.11 17.22 1.39
N HIS A 113 6.79 16.11 1.28
CA HIS A 113 6.90 15.11 2.36
C HIS A 113 8.29 14.52 2.42
N ASN A 114 8.83 14.33 3.60
CA ASN A 114 10.04 13.55 3.81
C ASN A 114 10.10 13.13 5.26
N GLN A 115 9.75 11.89 5.56
CA GLN A 115 9.61 11.46 6.97
C GLN A 115 10.06 10.03 7.12
N TYR A 116 10.30 9.68 8.37
CA TYR A 116 10.91 8.40 8.75
C TYR A 116 10.20 7.81 9.94
N ALA A 117 10.29 6.51 9.99
CA ALA A 117 9.85 5.71 11.15
C ALA A 117 10.87 4.60 11.46
N TYR A 118 11.10 4.32 12.73
CA TYR A 118 12.06 3.31 13.19
C TYR A 118 11.29 2.29 14.03
N ASP A 119 11.37 1.05 13.63
CA ASP A 119 10.62 -0.05 14.30
C ASP A 119 9.16 0.38 14.47
N GLY A 120 8.59 0.92 13.39
CA GLY A 120 7.14 1.19 13.38
C GLY A 120 6.73 2.50 14.00
N LYS A 121 7.65 3.22 14.63
CA LYS A 121 7.34 4.45 15.37
C LYS A 121 7.84 5.66 14.60
N ASP A 122 6.99 6.68 14.44
CA ASP A 122 7.47 7.93 13.81
C ASP A 122 8.71 8.37 14.54
N TYR A 123 9.70 8.76 13.75
CA TYR A 123 11.06 9.18 14.21
C TYR A 123 11.34 10.65 13.96
N ILE A 124 11.34 11.04 12.69
CA ILE A 124 11.59 12.46 12.31
C ILE A 124 10.79 12.73 11.05
N ALA A 125 10.39 14.00 10.87
CA ALA A 125 9.65 14.44 9.69
C ALA A 125 10.16 15.85 9.31
N LEU A 126 10.25 16.09 8.04
CA LEU A 126 10.34 17.46 7.56
C LEU A 126 8.94 18.07 7.68
N ASN A 127 8.91 19.24 8.29
CA ASN A 127 7.66 20.01 8.45
C ASN A 127 7.14 20.48 7.08
N GLU A 128 5.89 20.89 7.03
CA GLU A 128 5.21 21.40 5.83
C GLU A 128 5.97 22.61 5.25
N ASP A 129 6.62 23.39 6.10
CA ASP A 129 7.44 24.55 5.63
C ASP A 129 8.62 24.14 4.78
N LEU A 130 9.03 22.88 4.81
CA LEU A 130 10.20 22.33 4.08
C LEU A 130 11.46 23.01 4.58
N ARG A 131 11.49 23.49 5.82
CA ARG A 131 12.69 24.16 6.39
C ARG A 131 13.08 23.61 7.76
N SER A 132 12.14 23.09 8.50
CA SER A 132 12.33 22.64 9.89
C SER A 132 11.86 21.21 10.11
N TRP A 133 12.36 20.62 11.17
CA TRP A 133 12.13 19.21 11.55
C TRP A 133 11.25 19.08 12.77
N THR A 134 10.54 17.95 12.84
CA THR A 134 9.91 17.49 14.07
C THR A 134 10.53 16.14 14.43
N ALA A 135 11.13 16.07 15.59
CA ALA A 135 11.81 14.88 16.15
C ALA A 135 10.92 14.31 17.21
N ALA A 136 10.73 13.00 17.16
CA ALA A 136 9.80 12.34 18.08
C ALA A 136 10.41 12.16 19.46
N ASP A 137 11.74 12.06 19.65
CA ASP A 137 12.37 11.68 20.91
C ASP A 137 13.81 12.16 20.93
N THR A 138 14.52 11.89 22.00
CA THR A 138 15.89 12.40 22.15
C THR A 138 16.84 11.74 21.15
N ALA A 139 16.57 10.57 20.58
CA ALA A 139 17.36 9.96 19.49
C ALA A 139 17.21 10.81 18.24
N ALA A 140 15.98 11.07 17.85
CA ALA A 140 15.68 11.81 16.63
C ALA A 140 16.23 13.25 16.77
N GLN A 141 16.36 13.78 17.98
CA GLN A 141 16.96 15.09 18.20
C GLN A 141 18.41 15.06 17.76
N ILE A 142 19.10 13.94 17.90
CA ILE A 142 20.50 13.84 17.38
C ILE A 142 20.50 13.99 15.86
N THR A 143 19.63 13.26 15.19
CA THR A 143 19.47 13.33 13.73
C THR A 143 19.14 14.79 13.37
N GLN A 144 18.20 15.40 14.06
CA GLN A 144 17.78 16.79 13.77
C GLN A 144 19.01 17.70 13.86
N ARG A 145 19.79 17.62 14.92
CA ARG A 145 20.96 18.54 15.07
C ARG A 145 21.95 18.32 13.93
N LYS A 146 22.15 17.05 13.55
CA LYS A 146 23.07 16.69 12.46
C LYS A 146 22.56 17.29 11.16
N TRP A 147 21.28 17.16 10.91
CA TRP A 147 20.67 17.60 9.65
C TRP A 147 20.62 19.14 9.62
N GLU A 148 20.41 19.79 10.75
CA GLU A 148 20.45 21.27 10.84
C GLU A 148 21.87 21.76 10.56
N ALA A 149 22.86 21.08 11.15
CA ALA A 149 24.26 21.52 10.92
C ALA A 149 24.68 21.38 9.45
N ALA A 150 24.19 20.34 8.77
CA ALA A 150 24.55 20.04 7.39
C ALA A 150 23.62 20.71 6.37
N ARG A 151 22.58 21.42 6.85
CA ARG A 151 21.60 22.12 5.95
C ARG A 151 20.89 21.13 5.01
N VAL A 152 20.53 19.98 5.55
CA VAL A 152 19.87 18.91 4.77
C VAL A 152 18.49 19.34 4.30
N ALA A 153 17.74 20.06 5.14
CA ALA A 153 16.38 20.47 4.74
C ALA A 153 16.42 21.27 3.43
N GLU A 154 17.49 22.07 3.21
CA GLU A 154 17.58 22.87 1.98
C GLU A 154 17.69 21.96 0.76
N GLN A 155 18.45 20.87 0.89
CA GLN A 155 18.57 19.87 -0.19
C GLN A 155 17.21 19.21 -0.43
N ASP A 156 16.53 18.79 0.63
CA ASP A 156 15.21 18.13 0.48
C ASP A 156 14.20 19.09 -0.14
N ARG A 157 14.23 20.37 0.29
CA ARG A 157 13.33 21.36 -0.30
C ARG A 157 13.56 21.50 -1.78
N ALA A 158 14.82 21.57 -2.18
CA ALA A 158 15.12 21.73 -3.61
C ALA A 158 14.60 20.56 -4.44
N TYR A 159 14.69 19.35 -3.86
CA TYR A 159 14.14 18.18 -4.54
C TYR A 159 12.63 18.27 -4.60
N LEU A 160 11.99 18.58 -3.47
CA LEU A 160 10.51 18.53 -3.41
C LEU A 160 9.91 19.57 -4.33
N GLU A 161 10.44 20.80 -4.32
CA GLU A 161 9.85 21.91 -5.10
C GLU A 161 10.28 21.84 -6.57
N GLY A 162 11.41 21.19 -6.90
CA GLY A 162 12.00 21.18 -8.24
C GLY A 162 11.74 19.80 -8.83
N THR A 163 12.70 18.93 -8.63
CA THR A 163 12.78 17.60 -9.26
C THR A 163 11.47 16.86 -9.11
N CYS A 164 10.94 16.78 -7.91
CA CYS A 164 9.78 15.93 -7.69
C CYS A 164 8.59 16.47 -8.49
N VAL A 165 8.31 17.78 -8.40
CA VAL A 165 7.13 18.38 -9.10
C VAL A 165 7.33 18.22 -10.60
N GLU A 166 8.54 18.50 -11.04
CA GLU A 166 8.85 18.56 -12.51
C GLU A 166 8.69 17.14 -13.10
N TRP A 167 9.21 16.14 -12.39
CA TRP A 167 9.10 14.77 -12.94
C TRP A 167 7.68 14.23 -12.76
N LEU A 168 6.98 14.55 -11.69
CA LEU A 168 5.57 14.08 -11.59
C LEU A 168 4.75 14.64 -12.76
N ARG A 169 4.96 15.93 -13.11
CA ARG A 169 4.21 16.51 -14.22
C ARG A 169 4.60 15.75 -15.52
N ARG A 170 5.89 15.42 -15.73
CA ARG A 170 6.37 14.72 -16.97
C ARG A 170 5.73 13.30 -16.98
N TYR A 171 5.71 12.58 -15.86
CA TYR A 171 5.09 11.23 -15.83
C TYR A 171 3.58 11.33 -16.13
N LEU A 172 2.87 12.31 -15.57
CA LEU A 172 1.44 12.42 -15.82
C LEU A 172 1.16 12.64 -17.29
N GLU A 173 2.00 13.43 -17.97
CA GLU A 173 1.90 13.69 -19.42
C GLU A 173 2.20 12.37 -20.15
N ASN A 174 3.32 11.74 -19.89
CA ASN A 174 3.71 10.53 -20.65
C ASN A 174 2.66 9.39 -20.40
N GLY A 175 2.08 9.34 -19.22
CA GLY A 175 1.21 8.24 -18.83
C GLY A 175 -0.24 8.68 -18.76
N LYS A 176 -0.65 9.73 -19.46
CA LYS A 176 -1.94 10.40 -19.33
C LYS A 176 -3.08 9.42 -19.59
N ASP A 177 -2.91 8.39 -20.42
CA ASP A 177 -4.04 7.48 -20.70
C ASP A 177 -4.41 6.62 -19.51
N THR A 178 -3.46 6.42 -18.59
CA THR A 178 -3.70 5.59 -17.40
C THR A 178 -3.68 6.47 -16.18
N LEU A 179 -2.61 7.21 -15.96
CA LEU A 179 -2.45 7.92 -14.68
C LEU A 179 -3.55 8.96 -14.48
N GLU A 180 -4.05 9.57 -15.58
CA GLU A 180 -5.08 10.64 -15.51
C GLU A 180 -6.49 10.11 -15.80
N ARG A 181 -6.60 8.81 -15.87
CA ARG A 181 -7.92 8.19 -16.06
C ARG A 181 -8.40 7.57 -14.76
N ALA A 182 -9.54 8.05 -14.29
CA ALA A 182 -10.22 7.45 -13.14
C ALA A 182 -11.25 6.46 -13.67
N ASP A 183 -11.20 5.25 -13.16
CA ASP A 183 -12.16 4.17 -13.51
C ASP A 183 -13.19 4.01 -12.40
N PRO A 184 -14.46 4.27 -12.71
CA PRO A 184 -15.46 4.26 -11.65
C PRO A 184 -15.65 2.84 -11.14
N PRO A 185 -16.16 2.70 -9.91
CA PRO A 185 -16.56 1.39 -9.38
C PRO A 185 -17.78 0.85 -10.12
N LYS A 186 -17.74 -0.45 -10.35
CA LYS A 186 -18.92 -1.31 -10.68
C LYS A 186 -19.54 -1.73 -9.36
N THR A 187 -20.80 -1.41 -9.17
CA THR A 187 -21.47 -1.52 -7.86
C THR A 187 -22.68 -2.44 -7.93
N HIS A 188 -22.88 -3.23 -6.84
CA HIS A 188 -24.12 -4.00 -6.61
C HIS A 188 -24.25 -4.28 -5.11
N VAL A 189 -25.45 -4.69 -4.75
CA VAL A 189 -25.79 -5.06 -3.36
C VAL A 189 -26.23 -6.52 -3.32
N THR A 190 -25.63 -7.27 -2.44
CA THR A 190 -26.01 -8.67 -2.14
C THR A 190 -26.71 -8.77 -0.79
N HIS A 191 -27.42 -9.90 -0.59
CA HIS A 191 -28.32 -10.14 0.56
C HIS A 191 -27.98 -11.54 1.06
N HIS A 192 -27.57 -11.67 2.33
CA HIS A 192 -27.08 -12.93 2.96
C HIS A 192 -27.88 -13.15 4.25
N PRO A 193 -28.97 -13.96 4.27
CA PRO A 193 -29.68 -14.23 5.51
C PRO A 193 -28.71 -14.78 6.57
N ILE A 194 -28.84 -14.28 7.79
CA ILE A 194 -28.09 -14.84 8.94
C ILE A 194 -29.00 -15.72 9.81
N SER A 195 -30.28 -15.47 9.77
CA SER A 195 -31.28 -16.19 10.53
C SER A 195 -32.63 -15.81 9.95
N ASP A 196 -33.69 -16.31 10.56
CA ASP A 196 -35.06 -15.87 10.19
C ASP A 196 -35.21 -14.33 10.39
N HIS A 197 -34.48 -13.83 11.36
CA HIS A 197 -34.70 -12.53 11.97
C HIS A 197 -33.91 -11.44 11.28
N GLU A 198 -32.78 -11.72 10.61
CA GLU A 198 -31.88 -10.66 10.15
C GLU A 198 -31.20 -11.21 8.92
N ALA A 199 -30.60 -10.32 8.15
CA ALA A 199 -29.73 -10.57 7.00
C ALA A 199 -28.63 -9.52 6.88
N THR A 200 -27.54 -9.86 6.21
CA THR A 200 -26.49 -8.92 5.81
C THR A 200 -26.80 -8.35 4.43
N LEU A 201 -26.75 -7.03 4.32
CA LEU A 201 -26.69 -6.34 3.01
C LEU A 201 -25.23 -5.95 2.86
N ARG A 202 -24.67 -6.33 1.72
CA ARG A 202 -23.24 -5.98 1.39
C ARG A 202 -23.24 -5.20 0.09
N CYS A 203 -22.70 -4.00 0.17
CA CYS A 203 -22.50 -3.08 -0.97
C CYS A 203 -21.07 -3.20 -1.49
N TRP A 204 -20.97 -3.61 -2.75
CA TRP A 204 -19.71 -3.90 -3.44
C TRP A 204 -19.36 -2.77 -4.38
N ALA A 205 -18.06 -2.46 -4.37
CA ALA A 205 -17.41 -1.58 -5.35
C ALA A 205 -16.22 -2.34 -5.96
N LEU A 206 -16.24 -2.54 -7.27
CA LEU A 206 -15.21 -3.36 -7.95
C LEU A 206 -14.64 -2.54 -9.11
N GLY A 207 -13.37 -2.79 -9.45
CA GLY A 207 -12.79 -2.32 -10.71
C GLY A 207 -12.46 -0.85 -10.73
N PHE A 208 -12.28 -0.20 -9.58
CA PHE A 208 -12.06 1.26 -9.57
C PHE A 208 -10.62 1.62 -9.42
N TYR A 209 -10.31 2.83 -9.91
CA TYR A 209 -8.96 3.41 -9.80
C TYR A 209 -9.15 4.93 -9.83
N PRO A 210 -8.51 5.73 -8.97
CA PRO A 210 -7.53 5.31 -7.96
C PRO A 210 -8.29 4.64 -6.79
N ALA A 211 -7.54 4.28 -5.73
CA ALA A 211 -8.07 3.51 -4.60
C ALA A 211 -8.98 4.34 -3.71
N GLU A 212 -8.80 5.64 -3.59
CA GLU A 212 -9.66 6.44 -2.69
C GLU A 212 -11.13 6.30 -3.09
N ILE A 213 -11.99 5.97 -2.11
CA ILE A 213 -13.43 5.78 -2.38
C ILE A 213 -14.13 6.03 -1.05
N THR A 214 -15.42 6.39 -1.09
CA THR A 214 -16.26 6.43 0.12
C THR A 214 -17.43 5.51 -0.17
N LEU A 215 -17.66 4.61 0.77
CA LEU A 215 -18.72 3.60 0.67
C LEU A 215 -19.42 3.61 2.03
N THR A 216 -20.71 3.93 2.05
CA THR A 216 -21.39 4.03 3.34
C THR A 216 -22.81 3.45 3.20
N TRP A 217 -23.38 2.93 4.32
CA TRP A 217 -24.83 2.65 4.45
C TRP A 217 -25.53 3.70 5.31
N GLN A 218 -26.74 4.00 4.83
CA GLN A 218 -27.69 4.82 5.58
C GLN A 218 -28.96 3.99 5.87
N ARG A 219 -29.54 4.19 7.05
CA ARG A 219 -30.85 3.62 7.48
C ARG A 219 -31.77 4.85 7.59
N ASP A 220 -32.75 4.99 6.69
CA ASP A 220 -33.72 6.11 6.80
C ASP A 220 -32.89 7.38 6.74
N GLY A 221 -31.90 7.38 5.88
CA GLY A 221 -31.02 8.56 5.67
C GLY A 221 -30.14 8.98 6.83
N GLU A 222 -29.90 8.14 7.84
CA GLU A 222 -28.96 8.32 8.98
C GLU A 222 -27.74 7.43 8.68
N ASP A 223 -26.56 7.98 8.79
CA ASP A 223 -25.34 7.17 8.70
C ASP A 223 -25.34 6.05 9.76
N GLN A 224 -24.84 4.92 9.33
CA GLN A 224 -24.75 3.69 10.15
C GLN A 224 -23.27 3.39 10.39
N THR A 225 -22.47 4.41 10.76
CA THR A 225 -21.00 4.22 10.84
C THR A 225 -20.68 3.07 11.81
N GLN A 226 -21.24 3.11 13.02
CA GLN A 226 -20.90 2.12 14.07
C GLN A 226 -21.33 0.71 13.63
N ASP A 227 -22.41 0.62 12.82
CA ASP A 227 -23.11 -0.69 12.59
C ASP A 227 -22.63 -1.25 11.25
N THR A 228 -21.69 -0.60 10.64
CA THR A 228 -21.21 -1.03 9.31
C THR A 228 -19.83 -1.70 9.42
N GLU A 229 -19.67 -2.86 8.79
CA GLU A 229 -18.38 -3.55 8.59
C GLU A 229 -17.81 -3.06 7.26
N LEU A 230 -16.71 -2.34 7.33
CA LEU A 230 -16.06 -1.79 6.17
C LEU A 230 -14.72 -2.48 6.00
N VAL A 231 -14.50 -3.27 4.94
CA VAL A 231 -13.19 -3.93 4.75
C VAL A 231 -12.18 -2.95 4.12
N GLU A 232 -10.91 -3.19 4.40
CA GLU A 232 -9.83 -2.37 3.80
C GLU A 232 -9.92 -2.45 2.26
N THR A 233 -9.70 -1.33 1.58
CA THR A 233 -9.67 -1.35 0.12
C THR A 233 -8.48 -2.23 -0.31
N ARG A 234 -8.71 -3.04 -1.32
CA ARG A 234 -7.79 -4.15 -1.64
C ARG A 234 -7.52 -4.12 -3.14
N PRO A 235 -6.31 -4.48 -3.52
CA PRO A 235 -5.96 -4.48 -4.95
C PRO A 235 -6.46 -5.75 -5.66
N ALA A 236 -7.00 -5.58 -6.87
CA ALA A 236 -7.43 -6.74 -7.69
C ALA A 236 -6.25 -7.40 -8.41
N GLY A 237 -5.18 -6.69 -8.69
CA GLY A 237 -4.00 -7.13 -9.46
C GLY A 237 -3.97 -6.70 -10.90
N ASP A 238 -4.98 -5.99 -11.38
CA ASP A 238 -5.13 -5.44 -12.76
C ASP A 238 -5.05 -3.91 -12.77
N ARG A 239 -4.50 -3.35 -11.68
CA ARG A 239 -4.37 -1.91 -11.30
C ARG A 239 -5.57 -1.44 -10.49
N THR A 240 -6.69 -2.08 -10.60
CA THR A 240 -7.90 -1.58 -9.95
C THR A 240 -8.03 -2.12 -8.49
N PHE A 241 -8.97 -1.57 -7.77
CA PHE A 241 -9.28 -1.85 -6.36
C PHE A 241 -10.72 -2.33 -6.19
N GLN A 242 -10.90 -2.92 -5.00
CA GLN A 242 -12.20 -3.45 -4.56
C GLN A 242 -12.46 -3.01 -3.11
N LYS A 243 -13.75 -2.90 -2.74
CA LYS A 243 -14.14 -2.62 -1.33
C LYS A 243 -15.56 -3.07 -1.18
N TRP A 244 -15.88 -3.42 0.06
CA TRP A 244 -17.31 -3.61 0.40
C TRP A 244 -17.60 -3.03 1.77
N ALA A 245 -18.90 -2.88 2.01
CA ALA A 245 -19.40 -2.36 3.26
C ALA A 245 -20.67 -3.16 3.56
N ALA A 246 -20.80 -3.66 4.79
CA ALA A 246 -21.95 -4.53 5.15
C ALA A 246 -22.67 -4.02 6.38
N VAL A 247 -23.99 -4.18 6.37
CA VAL A 247 -24.81 -3.91 7.55
C VAL A 247 -25.76 -5.11 7.78
N VAL A 248 -26.08 -5.35 9.02
CA VAL A 248 -27.07 -6.38 9.42
C VAL A 248 -28.40 -5.67 9.59
N VAL A 249 -29.39 -6.16 8.89
CA VAL A 249 -30.73 -5.52 8.87
C VAL A 249 -31.81 -6.49 9.32
N PRO A 250 -32.86 -5.96 9.96
CA PRO A 250 -33.94 -6.85 10.32
C PRO A 250 -34.67 -7.32 9.05
N SER A 251 -35.17 -8.56 9.07
CA SER A 251 -35.99 -9.12 7.97
C SER A 251 -37.16 -8.18 7.68
N GLY A 252 -37.33 -7.91 6.40
CA GLY A 252 -38.42 -7.06 5.93
C GLY A 252 -38.10 -5.60 5.90
N GLU A 253 -36.98 -5.14 6.47
CA GLU A 253 -36.65 -3.69 6.54
C GLU A 253 -35.59 -3.30 5.49
N GLU A 254 -35.30 -4.14 4.51
CA GLU A 254 -34.17 -3.90 3.59
C GLU A 254 -34.33 -2.58 2.84
N GLN A 255 -35.55 -2.20 2.48
CA GLN A 255 -35.74 -1.00 1.63
C GLN A 255 -35.49 0.29 2.39
N ARG A 256 -35.28 0.24 3.70
CA ARG A 256 -34.93 1.43 4.48
C ARG A 256 -33.44 1.74 4.37
N TYR A 257 -32.67 0.83 3.78
CA TYR A 257 -31.20 0.97 3.70
C TYR A 257 -30.77 1.32 2.29
N THR A 258 -29.90 2.31 2.25
CA THR A 258 -29.29 2.78 0.98
C THR A 258 -27.78 2.82 1.15
N CYS A 259 -27.11 2.37 0.11
CA CYS A 259 -25.65 2.41 0.01
C CYS A 259 -25.25 3.61 -0.82
N HIS A 260 -24.20 4.30 -0.41
CA HIS A 260 -23.78 5.57 -1.05
C HIS A 260 -22.33 5.43 -1.46
N VAL A 261 -22.06 5.78 -2.72
CA VAL A 261 -20.72 5.58 -3.30
C VAL A 261 -20.20 6.89 -3.90
N GLN A 262 -19.07 7.33 -3.37
CA GLN A 262 -18.37 8.47 -3.99
C GLN A 262 -17.02 8.01 -4.51
N HIS A 263 -16.70 8.43 -5.73
CA HIS A 263 -15.43 8.07 -6.43
C HIS A 263 -15.22 9.06 -7.56
N GLU A 264 -13.94 9.43 -7.81
CA GLU A 264 -13.51 10.42 -8.83
C GLU A 264 -13.96 9.97 -10.23
N GLY A 265 -14.11 8.69 -10.56
CA GLY A 265 -14.50 8.28 -11.94
C GLY A 265 -16.01 8.28 -12.17
N LEU A 266 -16.76 8.60 -11.14
CA LEU A 266 -18.23 8.65 -11.28
C LEU A 266 -18.59 10.07 -11.72
N PRO A 267 -19.50 10.23 -12.71
CA PRO A 267 -19.92 11.58 -13.13
C PRO A 267 -20.78 12.13 -11.99
N LYS A 268 -21.44 11.22 -11.23
CA LYS A 268 -22.26 11.58 -10.06
C LYS A 268 -22.28 10.43 -9.04
N PRO A 269 -22.32 10.78 -7.74
CA PRO A 269 -22.36 9.76 -6.69
C PRO A 269 -23.59 8.87 -6.82
N LEU A 270 -23.43 7.62 -6.39
CA LEU A 270 -24.44 6.59 -6.56
C LEU A 270 -25.18 6.44 -5.23
N THR A 271 -26.41 6.08 -5.40
CA THR A 271 -27.30 5.57 -4.37
C THR A 271 -27.76 4.18 -4.81
N LEU A 272 -27.64 3.15 -3.98
CA LEU A 272 -28.04 1.79 -4.38
C LEU A 272 -28.85 1.18 -3.25
N ARG A 273 -29.71 0.28 -3.63
CA ARG A 273 -30.51 -0.51 -2.70
C ARG A 273 -30.45 -1.95 -3.15
N TRP A 274 -30.78 -2.84 -2.25
CA TRP A 274 -31.04 -4.24 -2.60
C TRP A 274 -32.18 -4.30 -3.63
N GLU A 275 -31.92 -5.07 -4.68
CA GLU A 275 -32.83 -5.48 -5.80
C GLU A 275 -33.27 -4.25 -6.58
N MET B 1 9.67 -4.05 19.83
CA MET B 1 9.37 -2.80 19.11
C MET B 1 7.86 -2.73 18.98
N ILE B 2 7.29 -2.13 17.95
CA ILE B 2 5.83 -2.28 17.78
C ILE B 2 5.64 -3.61 17.07
N GLN B 3 4.55 -4.30 17.38
CA GLN B 3 4.11 -5.38 16.48
C GLN B 3 2.66 -5.16 16.15
N ARG B 4 2.33 -5.40 14.91
CA ARG B 4 0.94 -5.24 14.41
C ARG B 4 0.56 -6.51 13.67
N THR B 5 -0.58 -7.08 14.05
CA THR B 5 -1.05 -8.37 13.44
C THR B 5 -1.58 -8.12 12.04
N PRO B 6 -1.29 -9.01 11.05
CA PRO B 6 -1.85 -8.81 9.73
C PRO B 6 -3.38 -9.02 9.71
N LYS B 7 -3.98 -8.21 8.86
CA LYS B 7 -5.34 -8.36 8.34
C LYS B 7 -5.25 -9.18 7.07
N ILE B 8 -6.19 -10.09 6.81
CA ILE B 8 -6.08 -11.02 5.68
C ILE B 8 -7.39 -10.98 4.92
N GLN B 9 -7.34 -10.77 3.60
CA GLN B 9 -8.55 -11.00 2.74
C GLN B 9 -8.18 -11.94 1.63
N VAL B 10 -9.06 -12.85 1.31
CA VAL B 10 -8.93 -13.81 0.20
C VAL B 10 -10.10 -13.59 -0.74
N TYR B 11 -9.79 -13.42 -2.02
CA TYR B 11 -10.81 -13.01 -3.00
C TYR B 11 -10.25 -13.19 -4.41
N SER B 12 -11.14 -13.14 -5.39
CA SER B 12 -10.76 -13.29 -6.80
C SER B 12 -10.66 -11.90 -7.47
N ARG B 13 -9.81 -11.80 -8.48
CA ARG B 13 -9.63 -10.56 -9.26
C ARG B 13 -10.95 -10.19 -9.93
N HIS B 14 -11.57 -11.17 -10.58
CA HIS B 14 -12.80 -10.98 -11.38
C HIS B 14 -13.89 -11.77 -10.67
N PRO B 15 -15.16 -11.43 -10.89
CA PRO B 15 -16.24 -12.21 -10.35
C PRO B 15 -16.09 -13.68 -10.75
N ALA B 16 -16.25 -14.58 -9.80
CA ALA B 16 -15.98 -16.02 -9.96
C ALA B 16 -17.06 -16.66 -10.85
N GLU B 17 -16.62 -17.45 -11.83
CA GLU B 17 -17.48 -18.26 -12.72
C GLU B 17 -16.81 -19.63 -12.81
N ASN B 18 -17.54 -20.68 -12.38
CA ASN B 18 -17.02 -22.06 -12.43
C ASN B 18 -16.60 -22.32 -13.88
N GLY B 19 -15.35 -22.77 -14.06
CA GLY B 19 -14.73 -23.17 -15.33
C GLY B 19 -14.03 -22.05 -16.06
N LYS B 20 -14.03 -20.82 -15.53
CA LYS B 20 -13.40 -19.63 -16.18
C LYS B 20 -12.12 -19.24 -15.43
N SER B 21 -11.01 -19.17 -16.16
CA SER B 21 -9.70 -18.66 -15.66
C SER B 21 -9.89 -17.32 -14.93
N ASN B 22 -9.13 -17.13 -13.86
CA ASN B 22 -9.25 -15.98 -12.91
C ASN B 22 -7.96 -15.97 -12.10
N PHE B 23 -7.89 -15.04 -11.16
CA PHE B 23 -6.75 -14.92 -10.24
C PHE B 23 -7.30 -15.00 -8.85
N LEU B 24 -6.64 -15.77 -8.01
CA LEU B 24 -6.91 -15.88 -6.57
C LEU B 24 -5.88 -15.02 -5.83
N ASN B 25 -6.39 -14.12 -5.04
CA ASN B 25 -5.61 -13.09 -4.34
C ASN B 25 -5.66 -13.35 -2.84
N CYS B 26 -4.53 -13.19 -2.13
CA CYS B 26 -4.51 -13.09 -0.69
C CYS B 26 -3.79 -11.78 -0.33
N TYR B 27 -4.56 -10.82 0.20
CA TYR B 27 -4.04 -9.50 0.55
C TYR B 27 -3.77 -9.39 2.02
N VAL B 28 -2.54 -9.27 2.45
CA VAL B 28 -2.15 -9.20 3.87
C VAL B 28 -1.80 -7.74 4.09
N SER B 29 -2.29 -7.07 5.10
CA SER B 29 -2.02 -5.65 5.30
C SER B 29 -2.03 -5.35 6.80
N GLY B 30 -1.65 -4.17 7.18
CA GLY B 30 -1.69 -3.70 8.54
C GLY B 30 -0.68 -4.30 9.45
N PHE B 31 0.36 -4.93 8.95
CA PHE B 31 1.30 -5.69 9.79
C PHE B 31 2.64 -5.00 10.02
N HIS B 32 3.32 -5.37 11.06
CA HIS B 32 4.68 -4.87 11.39
C HIS B 32 5.25 -5.85 12.38
N PRO B 33 6.49 -6.26 12.30
CA PRO B 33 7.48 -5.94 11.24
C PRO B 33 7.11 -6.69 9.95
N SER B 34 7.98 -6.61 8.94
CA SER B 34 7.67 -6.97 7.55
C SER B 34 7.79 -8.46 7.28
N ASP B 35 8.49 -9.25 8.10
CA ASP B 35 8.61 -10.68 7.74
C ASP B 35 7.23 -11.34 7.89
N ILE B 36 6.85 -12.11 6.90
CA ILE B 36 5.52 -12.78 6.89
C ILE B 36 5.61 -13.96 5.94
N GLU B 37 4.88 -15.01 6.24
CA GLU B 37 4.81 -16.23 5.42
C GLU B 37 3.39 -16.33 4.91
N VAL B 38 3.24 -16.42 3.60
CA VAL B 38 1.90 -16.51 2.96
C VAL B 38 1.91 -17.66 1.95
N ASP B 39 0.95 -18.57 2.14
CA ASP B 39 0.69 -19.66 1.19
C ASP B 39 -0.75 -19.57 0.68
N LEU B 40 -0.94 -19.90 -0.59
CA LEU B 40 -2.28 -20.15 -1.14
C LEU B 40 -2.44 -21.66 -1.16
N LEU B 41 -3.61 -22.12 -0.77
CA LEU B 41 -3.91 -23.57 -0.68
C LEU B 41 -5.04 -23.91 -1.64
N LYS B 42 -4.90 -25.05 -2.29
CA LYS B 42 -5.98 -25.68 -3.05
C LYS B 42 -6.23 -27.05 -2.41
N ASN B 43 -7.44 -27.25 -1.89
CA ASN B 43 -7.84 -28.48 -1.17
C ASN B 43 -6.79 -28.84 -0.10
N GLY B 44 -6.35 -27.84 0.67
CA GLY B 44 -5.39 -28.02 1.79
C GLY B 44 -3.91 -28.12 1.38
N GLU B 45 -3.57 -28.13 0.10
CA GLU B 45 -2.17 -28.29 -0.40
C GLU B 45 -1.61 -26.96 -0.93
N ARG B 46 -0.30 -26.72 -0.74
CA ARG B 46 0.37 -25.48 -1.19
C ARG B 46 0.40 -25.42 -2.71
N ILE B 47 -0.08 -24.30 -3.25
CA ILE B 47 0.05 -23.96 -4.69
C ILE B 47 1.51 -23.50 -4.91
N GLU B 48 2.14 -23.99 -5.98
CA GLU B 48 3.53 -23.61 -6.37
C GLU B 48 3.55 -22.36 -7.25
N LYS B 49 4.64 -21.63 -7.20
CA LYS B 49 4.95 -20.50 -8.14
C LYS B 49 4.03 -19.30 -7.94
N VAL B 50 3.52 -19.17 -6.72
CA VAL B 50 2.65 -18.04 -6.35
C VAL B 50 3.52 -16.79 -6.38
N GLU B 51 2.99 -15.74 -6.98
CA GLU B 51 3.73 -14.48 -7.11
C GLU B 51 3.28 -13.53 -6.02
N HIS B 52 4.05 -12.49 -5.80
CA HIS B 52 3.63 -11.47 -4.84
C HIS B 52 4.14 -10.12 -5.31
N SER B 53 3.51 -9.11 -4.76
CA SER B 53 3.82 -7.70 -5.02
C SER B 53 5.11 -7.33 -4.29
N ASP B 54 5.63 -6.15 -4.62
CA ASP B 54 6.84 -5.60 -3.98
C ASP B 54 6.46 -4.95 -2.63
N LEU B 55 7.22 -5.21 -1.62
CA LEU B 55 6.92 -4.73 -0.25
C LEU B 55 6.73 -3.23 -0.27
N SER B 56 5.61 -2.77 0.31
CA SER B 56 5.29 -1.36 0.49
C SER B 56 4.46 -1.27 1.76
N PHE B 57 4.07 -0.07 2.06
CA PHE B 57 3.36 0.22 3.31
C PHE B 57 2.46 1.38 3.14
N SER B 58 1.48 1.44 4.06
CA SER B 58 0.50 2.54 4.18
C SER B 58 1.16 3.72 4.91
N LYS B 59 0.49 4.86 4.92
CA LYS B 59 1.07 6.09 5.51
C LYS B 59 1.10 5.97 7.03
N ASP B 60 0.44 4.98 7.67
CA ASP B 60 0.62 4.62 9.09
C ASP B 60 1.79 3.65 9.36
N TRP B 61 2.54 3.36 8.30
CA TRP B 61 3.81 2.56 8.32
C TRP B 61 3.53 1.06 8.32
N SER B 62 2.28 0.64 8.27
CA SER B 62 1.93 -0.81 8.31
C SER B 62 2.21 -1.37 6.89
N PHE B 63 2.87 -2.50 6.82
CA PHE B 63 3.21 -3.19 5.53
C PHE B 63 1.98 -3.82 4.88
N TYR B 64 2.05 -3.98 3.55
CA TYR B 64 1.09 -4.78 2.80
C TYR B 64 1.74 -5.54 1.68
N LEU B 65 1.20 -6.70 1.37
CA LEU B 65 1.61 -7.51 0.24
C LEU B 65 0.38 -8.18 -0.38
N LEU B 66 0.39 -8.33 -1.70
CA LEU B 66 -0.60 -9.15 -2.40
C LEU B 66 0.10 -10.42 -2.89
N TYR B 67 -0.44 -11.58 -2.54
CA TYR B 67 0.00 -12.86 -3.13
C TYR B 67 -1.10 -13.30 -4.08
N TYR B 68 -0.72 -13.87 -5.21
CA TYR B 68 -1.71 -14.14 -6.24
C TYR B 68 -1.25 -15.31 -7.10
N THR B 69 -2.19 -15.99 -7.69
CA THR B 69 -1.96 -17.07 -8.66
C THR B 69 -3.15 -17.15 -9.61
N GLU B 70 -2.90 -17.64 -10.81
CA GLU B 70 -3.98 -17.95 -11.76
C GLU B 70 -4.71 -19.18 -11.22
N PHE B 71 -6.00 -19.23 -11.36
CA PHE B 71 -6.81 -20.42 -10.96
C PHE B 71 -8.10 -20.43 -11.76
N THR B 72 -8.66 -21.61 -11.91
CA THR B 72 -9.96 -21.86 -12.59
C THR B 72 -10.86 -22.43 -11.52
N PRO B 73 -11.74 -21.64 -10.87
CA PRO B 73 -12.59 -22.22 -9.82
C PRO B 73 -13.60 -23.23 -10.37
N THR B 74 -13.99 -24.14 -9.51
CA THR B 74 -15.00 -25.20 -9.74
C THR B 74 -15.98 -25.15 -8.58
N GLU B 75 -17.10 -25.88 -8.63
CA GLU B 75 -18.07 -25.92 -7.50
C GLU B 75 -17.40 -26.54 -6.26
N LYS B 76 -16.54 -27.53 -6.47
CA LYS B 76 -16.05 -28.46 -5.41
C LYS B 76 -14.66 -28.09 -4.90
N ASP B 77 -13.84 -27.36 -5.63
CA ASP B 77 -12.45 -27.13 -5.13
C ASP B 77 -12.48 -26.07 -4.04
N GLU B 78 -11.71 -26.29 -2.98
CA GLU B 78 -11.61 -25.35 -1.83
C GLU B 78 -10.27 -24.62 -1.98
N TYR B 79 -10.33 -23.31 -1.76
CA TYR B 79 -9.15 -22.41 -1.75
C TYR B 79 -9.07 -21.71 -0.42
N ALA B 80 -7.86 -21.38 -0.02
CA ALA B 80 -7.64 -20.61 1.22
C ALA B 80 -6.28 -19.95 1.17
N CYS B 81 -6.10 -19.06 2.14
CA CYS B 81 -4.82 -18.38 2.41
C CYS B 81 -4.35 -18.74 3.82
N ARG B 82 -3.08 -19.13 3.95
CA ARG B 82 -2.47 -19.49 5.25
C ARG B 82 -1.32 -18.51 5.51
N VAL B 83 -1.42 -17.82 6.63
CA VAL B 83 -0.52 -16.69 6.97
C VAL B 83 0.13 -16.96 8.32
N ASN B 84 1.44 -16.83 8.38
CA ASN B 84 2.13 -16.78 9.68
C ASN B 84 2.93 -15.48 9.79
N HIS B 85 3.01 -15.00 11.02
CA HIS B 85 3.69 -13.73 11.37
C HIS B 85 4.16 -13.89 12.82
N VAL B 86 5.11 -13.09 13.25
CA VAL B 86 5.63 -13.15 14.64
C VAL B 86 4.45 -12.99 15.61
N THR B 87 3.42 -12.20 15.25
CA THR B 87 2.26 -11.88 16.12
C THR B 87 1.28 -13.06 16.23
N LEU B 88 1.49 -14.10 15.45
CA LEU B 88 0.55 -15.27 15.44
C LEU B 88 1.29 -16.48 16.03
N SER B 89 0.64 -17.11 17.03
CA SER B 89 1.18 -18.32 17.69
C SER B 89 1.01 -19.53 16.77
N GLN B 90 -0.05 -19.57 15.98
CA GLN B 90 -0.32 -20.67 15.00
C GLN B 90 -0.59 -19.99 13.66
N PRO B 91 -0.31 -20.63 12.51
CA PRO B 91 -0.73 -20.07 11.22
C PRO B 91 -2.26 -19.84 11.15
N LYS B 92 -2.69 -18.71 10.58
CA LYS B 92 -4.11 -18.33 10.42
C LYS B 92 -4.55 -18.73 9.01
N ILE B 93 -5.64 -19.48 8.93
CA ILE B 93 -6.22 -19.90 7.62
C ILE B 93 -7.51 -19.13 7.39
N VAL B 94 -7.64 -18.48 6.22
CA VAL B 94 -8.86 -17.78 5.76
C VAL B 94 -9.32 -18.43 4.47
N LYS B 95 -10.53 -18.99 4.49
CA LYS B 95 -11.07 -19.72 3.32
C LYS B 95 -11.55 -18.69 2.29
N TRP B 96 -11.34 -19.02 1.03
CA TRP B 96 -11.97 -18.30 -0.08
C TRP B 96 -13.49 -18.52 -0.02
N ASP B 97 -14.25 -17.45 0.04
CA ASP B 97 -15.75 -17.46 -0.01
C ASP B 97 -16.11 -16.44 -1.10
N ARG B 98 -16.55 -16.89 -2.27
CA ARG B 98 -16.83 -15.98 -3.42
C ARG B 98 -17.78 -14.85 -3.01
N ASP B 99 -18.43 -14.87 -1.84
CA ASP B 99 -19.36 -13.78 -1.43
C ASP B 99 -18.67 -12.79 -0.47
N MET B 100 -17.35 -12.86 -0.33
CA MET B 100 -16.63 -11.89 0.55
C MET B 100 -15.33 -11.31 -0.11
N PHE C 1 11.13 10.18 -9.85
CA PHE C 1 12.61 10.39 -9.81
C PHE C 1 13.07 10.32 -8.35
N ALA C 2 14.05 9.51 -8.00
CA ALA C 2 14.47 9.26 -6.62
C ALA C 2 15.25 10.45 -6.07
N LYS C 3 15.27 10.52 -4.75
CA LYS C 3 15.91 11.57 -3.98
C LYS C 3 17.08 10.99 -3.25
N LYS C 4 18.20 11.70 -3.28
CA LYS C 4 19.36 11.41 -2.43
C LYS C 4 18.92 11.47 -0.98
N LYS C 5 19.26 10.44 -0.24
CA LYS C 5 19.02 10.40 1.20
C LYS C 5 20.24 10.75 1.99
N TYR C 6 20.01 11.11 3.24
CA TYR C 6 21.03 11.50 4.22
C TYR C 6 20.97 10.58 5.44
N CYS C 7 22.14 10.24 5.93
CA CYS C 7 22.27 9.33 7.07
C CYS C 7 21.67 9.97 8.29
N LEU C 8 20.83 9.19 8.97
CA LEU C 8 20.16 9.53 10.27
C LEU C 8 21.22 9.59 11.38
#